data_3RVF
#
_entry.id   3RVF
#
_cell.length_a   158.331
_cell.length_b   158.331
_cell.length_c   158.331
_cell.angle_alpha   90.000
_cell.angle_beta   90.000
_cell.angle_gamma   90.000
#
_symmetry.space_group_name_H-M   'F 2 3'
#
loop_
_entity.id
_entity.type
_entity.pdbx_description
1 polymer 'Bile acid receptor'
2 polymer 'Nuclear receptor coactivator 1'
3 non-polymer 'SULFATE ION'
4 non-polymer '5-(4-{[3-(2,6-dichlorophenyl)-5-(propan-2-yl)-1,2-oxazol-4-yl]methoxy}phenyl)-1H-indole-2-carboxylic acid'
5 water water
#
loop_
_entity_poly.entity_id
_entity_poly.type
_entity_poly.pdbx_seq_one_letter_code
_entity_poly.pdbx_strand_id
1 'polypeptide(L)'
;GSTELTPDQQTLLHFIMDSYNKQRMPQEITNKILKEEFSAEENFLILTEMATNHVQVLVEFTKKLPGFQTLDHEDQIALL
KGSAVEAMFLRSAEIFNKKLPSGHSDLLEERIRNSGISDEYITPMFSFYKSIGELKMTQEEYALLTAIVILSPDRQYIKD
REAVEKLQEPLLDVLQKLCKIHQPENPQHFACLLGRLTELRTFNHHHAEMLMSWRVNDHKFTPLLCEIWDVQ
;
A
2 'polypeptide(L)' KESKDHQLLRYLLDKDEKDLR B
#
loop_
_chem_comp.id
_chem_comp.type
_chem_comp.name
_chem_comp.formula
034 non-polymer '5-(4-{[3-(2,6-dichlorophenyl)-5-(propan-2-yl)-1,2-oxazol-4-yl]methoxy}phenyl)-1H-indole-2-carboxylic acid' 'C28 H22 Cl2 N2 O4'
SO4 non-polymer 'SULFATE ION' 'O4 S -2'
#
# COMPACT_ATOMS: atom_id res chain seq x y z
N LEU A 5 12.90 23.38 -0.15
CA LEU A 5 13.41 22.20 0.61
C LEU A 5 14.05 22.64 1.93
N THR A 6 13.21 22.98 2.90
CA THR A 6 13.67 23.47 4.21
C THR A 6 14.39 22.34 4.98
N PRO A 7 15.23 22.69 5.99
CA PRO A 7 15.98 21.68 6.74
C PRO A 7 15.09 20.83 7.64
N ASP A 8 13.99 21.44 8.09
CA ASP A 8 12.90 20.70 8.75
C ASP A 8 12.47 19.51 7.87
N GLN A 9 12.33 19.79 6.58
CA GLN A 9 11.82 18.82 5.59
C GLN A 9 12.90 18.01 4.86
N GLN A 10 13.98 18.67 4.44
CA GLN A 10 15.01 18.06 3.59
C GLN A 10 15.71 16.86 4.22
N THR A 11 15.63 16.74 5.54
CA THR A 11 16.16 15.58 6.27
C THR A 11 15.05 14.58 6.62
N LEU A 12 13.85 15.12 6.88
CA LEU A 12 12.65 14.31 7.20
C LEU A 12 12.37 13.28 6.10
N LEU A 13 12.46 13.72 4.85
CA LEU A 13 12.30 12.85 3.68
C LEU A 13 13.35 11.74 3.66
N HIS A 14 14.55 12.08 4.08
CA HIS A 14 15.68 11.14 4.08
C HIS A 14 15.47 10.05 5.13
N PHE A 15 14.76 10.40 6.20
CA PHE A 15 14.34 9.42 7.20
C PHE A 15 13.33 8.47 6.56
N ILE A 16 12.41 9.07 5.79
CA ILE A 16 11.30 8.36 5.14
C ILE A 16 11.77 7.45 4.00
N MET A 17 12.62 7.98 3.14
CA MET A 17 13.20 7.19 2.05
C MET A 17 14.20 6.18 2.60
N ASP A 18 14.72 6.49 3.79
CA ASP A 18 15.51 5.54 4.58
C ASP A 18 14.65 4.33 4.94
N SER A 19 13.45 4.62 5.43
CA SER A 19 12.49 3.58 5.80
C SER A 19 12.01 2.85 4.56
N TYR A 20 11.62 3.61 3.55
CA TYR A 20 11.00 3.06 2.33
C TYR A 20 12.00 2.17 1.59
N ASN A 21 13.26 2.56 1.69
CA ASN A 21 14.36 1.79 1.10
C ASN A 21 14.74 0.49 1.79
N LYS A 22 14.47 0.37 3.09
CA LYS A 22 14.84 -0.85 3.80
C LYS A 22 14.21 -2.06 3.09
N GLN A 23 15.06 -2.99 2.67
CA GLN A 23 14.64 -4.14 1.86
C GLN A 23 14.02 -5.19 2.77
N ARG A 24 12.79 -4.89 3.22
CA ARG A 24 12.04 -5.76 4.11
C ARG A 24 11.64 -7.08 3.44
N MET A 25 11.06 -7.00 2.24
CA MET A 25 10.54 -8.20 1.59
C MET A 25 11.67 -9.17 1.31
N PRO A 26 11.49 -10.42 1.75
CA PRO A 26 12.47 -11.47 1.55
C PRO A 26 12.48 -11.94 0.12
N GLN A 27 13.68 -11.99 -0.46
CA GLN A 27 13.87 -12.44 -1.83
C GLN A 27 13.39 -13.86 -1.96
N GLU A 28 13.65 -14.65 -0.92
CA GLU A 28 13.34 -16.08 -0.93
C GLU A 28 11.86 -16.31 -1.17
N ILE A 29 11.05 -15.43 -0.58
CA ILE A 29 9.59 -15.42 -0.72
C ILE A 29 9.09 -14.91 -2.08
N THR A 30 9.55 -13.73 -2.49
CA THR A 30 9.09 -13.14 -3.76
C THR A 30 9.42 -14.03 -4.95
N ASN A 31 10.59 -14.68 -4.88
CA ASN A 31 11.09 -15.58 -5.92
C ASN A 31 10.06 -16.61 -6.36
N LYS A 32 9.25 -17.08 -5.42
CA LYS A 32 8.15 -18.01 -5.69
C LYS A 32 7.17 -17.52 -6.78
N ILE A 33 7.12 -16.21 -7.00
CA ILE A 33 6.26 -15.65 -8.06
C ILE A 33 6.73 -16.17 -9.41
N LEU A 34 8.04 -16.41 -9.50
CA LEU A 34 8.69 -16.83 -10.74
C LEU A 34 8.75 -18.34 -10.86
N LYS A 35 9.19 -18.99 -9.79
CA LYS A 35 9.63 -20.40 -9.85
C LYS A 35 8.52 -21.46 -9.75
N GLU A 36 7.47 -21.16 -9.01
CA GLU A 36 6.38 -22.13 -8.82
C GLU A 36 5.55 -22.31 -10.08
N GLU A 37 4.72 -23.36 -10.05
CA GLU A 37 3.82 -23.66 -11.16
C GLU A 37 2.82 -22.54 -11.32
N PHE A 38 2.20 -22.48 -12.50
CA PHE A 38 1.15 -21.51 -12.75
C PHE A 38 -0.21 -22.19 -12.90
N SER A 39 -1.05 -22.00 -11.88
CA SER A 39 -2.43 -22.46 -11.92
C SER A 39 -3.31 -21.56 -11.07
N ALA A 40 -4.62 -21.63 -11.30
CA ALA A 40 -5.57 -20.86 -10.49
C ALA A 40 -5.27 -21.06 -9.00
N GLU A 41 -5.14 -22.31 -8.57
CA GLU A 41 -4.90 -22.62 -7.15
C GLU A 41 -3.58 -22.04 -6.66
N GLU A 42 -2.49 -22.40 -7.33
CA GLU A 42 -1.15 -22.01 -6.87
C GLU A 42 -0.96 -20.51 -6.90
N ASN A 43 -1.50 -19.87 -7.93
CA ASN A 43 -1.42 -18.41 -8.10
C ASN A 43 -1.94 -17.72 -6.86
N PHE A 44 -3.11 -18.18 -6.42
CA PHE A 44 -3.80 -17.59 -5.25
C PHE A 44 -3.04 -17.81 -3.94
N LEU A 45 -2.41 -18.97 -3.78
CA LEU A 45 -1.61 -19.28 -2.59
C LEU A 45 -0.36 -18.42 -2.54
N ILE A 46 0.18 -18.16 -3.71
CA ILE A 46 1.38 -17.34 -3.86
C ILE A 46 1.08 -15.91 -3.48
N LEU A 47 -0.04 -15.39 -3.98
CA LEU A 47 -0.41 -13.98 -3.76
C LEU A 47 -0.75 -13.68 -2.31
N THR A 48 -1.36 -14.65 -1.63
CA THR A 48 -1.70 -14.52 -0.22
C THR A 48 -0.44 -14.39 0.61
N GLU A 49 0.55 -15.16 0.23
CA GLU A 49 1.84 -15.17 0.92
C GLU A 49 2.55 -13.83 0.79
N MET A 50 2.54 -13.27 -0.41
CA MET A 50 3.17 -11.98 -0.65
C MET A 50 2.46 -10.92 0.16
N ALA A 51 1.14 -10.94 0.06
CA ALA A 51 0.28 -9.94 0.69
C ALA A 51 0.40 -9.97 2.21
N THR A 52 0.45 -11.17 2.77
CA THR A 52 0.55 -11.30 4.23
C THR A 52 1.92 -10.85 4.71
N ASN A 53 2.94 -11.15 3.91
CA ASN A 53 4.29 -10.70 4.21
C ASN A 53 4.39 -9.19 4.06
N HIS A 54 3.70 -8.68 3.05
CA HIS A 54 3.67 -7.25 2.82
C HIS A 54 3.00 -6.52 3.98
N VAL A 55 1.94 -7.12 4.50
CA VAL A 55 1.23 -6.52 5.61
C VAL A 55 2.19 -6.34 6.77
N GLN A 56 3.08 -7.31 6.94
CA GLN A 56 4.11 -7.25 7.98
C GLN A 56 5.06 -6.10 7.72
N VAL A 57 5.42 -5.95 6.45
CA VAL A 57 6.38 -4.93 6.02
C VAL A 57 5.81 -3.52 6.20
N LEU A 58 4.52 -3.39 5.91
CA LEU A 58 3.82 -2.11 6.06
C LEU A 58 3.77 -1.70 7.52
N VAL A 59 3.41 -2.65 8.37
CA VAL A 59 3.33 -2.41 9.82
C VAL A 59 4.70 -2.03 10.36
N GLU A 60 5.75 -2.62 9.79
CA GLU A 60 7.12 -2.26 10.14
C GLU A 60 7.38 -0.84 9.67
N PHE A 61 7.21 -0.63 8.37
CA PHE A 61 7.40 0.67 7.75
C PHE A 61 6.57 1.77 8.43
N THR A 62 5.31 1.44 8.72
CA THR A 62 4.39 2.40 9.31
C THR A 62 4.90 2.90 10.66
N LYS A 63 5.49 1.98 11.41
CA LYS A 63 6.04 2.31 12.73
C LYS A 63 7.11 3.39 12.61
N LYS A 64 7.98 3.19 11.62
CA LYS A 64 9.18 4.02 11.42
C LYS A 64 8.84 5.42 10.89
N LEU A 65 7.58 5.62 10.52
CA LEU A 65 7.09 6.96 10.12
C LEU A 65 7.12 7.90 11.32
N PRO A 66 7.26 9.21 11.07
CA PRO A 66 7.52 10.14 12.16
C PRO A 66 6.27 10.46 12.96
N GLY A 67 6.41 10.36 14.28
CA GLY A 67 5.33 10.67 15.21
C GLY A 67 4.18 9.68 15.18
N PHE A 68 4.42 8.54 14.55
CA PHE A 68 3.42 7.47 14.50
C PHE A 68 3.25 6.84 15.87
N GLN A 69 4.38 6.56 16.52
CA GLN A 69 4.41 5.85 17.82
C GLN A 69 3.77 6.63 18.97
N THR A 70 3.73 7.95 18.80
CA THR A 70 3.15 8.85 19.79
C THR A 70 1.62 8.86 19.65
N LEU A 71 1.13 8.05 18.71
CA LEU A 71 -0.30 7.98 18.43
C LEU A 71 -1.08 7.17 19.46
N ASP A 72 -2.38 7.39 19.48
CA ASP A 72 -3.30 6.64 20.32
C ASP A 72 -3.27 5.18 19.88
N HIS A 73 -3.19 4.27 20.85
CA HIS A 73 -3.02 2.84 20.56
C HIS A 73 -4.21 2.26 19.79
N GLU A 74 -5.41 2.63 20.21
CA GLU A 74 -6.64 2.19 19.55
C GLU A 74 -6.76 2.82 18.17
N ASP A 75 -6.35 4.09 18.10
CA ASP A 75 -6.37 4.86 16.86
C ASP A 75 -5.52 4.20 15.80
N GLN A 76 -4.35 3.78 16.25
CA GLN A 76 -3.29 3.28 15.36
C GLN A 76 -3.77 2.13 14.50
N ILE A 77 -4.60 1.28 15.10
CA ILE A 77 -5.15 0.11 14.44
C ILE A 77 -6.08 0.46 13.30
N ALA A 78 -6.89 1.50 13.50
CA ALA A 78 -7.90 1.89 12.51
C ALA A 78 -7.27 2.36 11.21
N LEU A 79 -6.11 3.01 11.32
CA LEU A 79 -5.36 3.47 10.16
C LEU A 79 -4.82 2.31 9.34
N LEU A 80 -4.29 1.31 10.04
CA LEU A 80 -3.75 0.12 9.40
C LEU A 80 -4.82 -0.65 8.66
N LYS A 81 -5.95 -0.87 9.31
CA LYS A 81 -7.05 -1.62 8.70
C LYS A 81 -7.55 -0.92 7.45
N GLY A 82 -7.76 0.39 7.59
CA GLY A 82 -8.31 1.19 6.50
C GLY A 82 -7.36 1.37 5.33
N SER A 83 -6.10 1.61 5.65
CA SER A 83 -5.11 1.97 4.64
C SER A 83 -4.33 0.79 4.09
N ALA A 84 -4.61 -0.41 4.61
CA ALA A 84 -3.80 -1.58 4.27
C ALA A 84 -3.84 -1.95 2.79
N VAL A 85 -5.05 -2.03 2.24
CA VAL A 85 -5.25 -2.33 0.80
C VAL A 85 -4.67 -1.25 -0.10
N GLU A 86 -5.02 0.00 0.18
CA GLU A 86 -4.52 1.13 -0.63
C GLU A 86 -2.99 1.12 -0.67
N ALA A 87 -2.38 0.91 0.49
CA ALA A 87 -0.91 0.81 0.59
C ALA A 87 -0.40 -0.34 -0.27
N MET A 88 -1.11 -1.46 -0.22
CA MET A 88 -0.70 -2.66 -0.95
C MET A 88 -0.83 -2.44 -2.43
N PHE A 89 -1.89 -1.75 -2.82
CA PHE A 89 -2.13 -1.40 -4.22
C PHE A 89 -1.07 -0.46 -4.77
N LEU A 90 -0.56 0.39 -3.89
CA LEU A 90 0.48 1.34 -4.29
C LEU A 90 1.77 0.64 -4.68
N ARG A 91 2.21 -0.27 -3.84
CA ARG A 91 3.47 -1.01 -4.11
C ARG A 91 3.33 -1.96 -5.30
N SER A 92 2.19 -2.61 -5.38
CA SER A 92 1.90 -3.54 -6.46
C SER A 92 1.88 -2.80 -7.78
N ALA A 93 1.28 -1.62 -7.74
CA ALA A 93 1.28 -0.69 -8.87
C ALA A 93 2.68 -0.17 -9.13
N GLU A 94 3.42 0.11 -8.06
CA GLU A 94 4.78 0.59 -8.21
C GLU A 94 5.64 -0.40 -8.96
N ILE A 95 5.42 -1.68 -8.69
CA ILE A 95 6.15 -2.76 -9.34
C ILE A 95 6.02 -2.78 -10.85
N PHE A 96 4.78 -2.73 -11.31
CA PHE A 96 4.44 -2.86 -12.73
C PHE A 96 4.95 -1.73 -13.58
N ASN A 97 4.80 -0.54 -13.00
CA ASN A 97 5.25 0.71 -13.60
C ASN A 97 6.76 0.86 -13.59
N LYS A 98 7.36 0.47 -12.46
CA LYS A 98 8.81 0.62 -12.28
C LYS A 98 9.58 -0.66 -12.61
N LYS A 99 8.84 -1.75 -12.86
CA LYS A 99 9.44 -3.03 -13.23
C LYS A 99 10.52 -3.44 -12.23
N LEU A 100 10.19 -3.37 -10.94
CA LEU A 100 11.12 -3.76 -9.90
C LEU A 100 11.46 -5.23 -10.07
N PRO A 101 12.74 -5.58 -9.90
CA PRO A 101 13.24 -6.93 -10.08
C PRO A 101 12.63 -7.96 -9.15
N SER A 102 12.50 -7.59 -7.89
CA SER A 102 11.86 -8.44 -6.88
C SER A 102 10.38 -8.55 -7.14
N GLY A 103 9.91 -7.67 -8.02
CA GLY A 103 8.52 -7.67 -8.45
C GLY A 103 8.11 -8.81 -9.36
N HIS A 104 8.97 -9.16 -10.32
CA HIS A 104 8.62 -10.19 -11.30
C HIS A 104 7.29 -9.85 -11.93
N SER A 105 7.20 -8.61 -12.39
CA SER A 105 5.94 -7.98 -12.79
C SER A 105 5.14 -8.77 -13.80
N ASP A 106 5.80 -9.22 -14.86
CA ASP A 106 5.12 -9.99 -15.91
C ASP A 106 4.49 -11.24 -15.33
N LEU A 107 5.30 -11.97 -14.59
CA LEU A 107 4.85 -13.19 -13.94
C LEU A 107 3.88 -12.92 -12.79
N LEU A 108 4.12 -11.85 -12.02
CA LEU A 108 3.16 -11.41 -11.01
C LEU A 108 1.80 -11.08 -11.67
N GLU A 109 1.85 -10.39 -12.80
CA GLU A 109 0.64 -10.05 -13.57
C GLU A 109 -0.16 -11.30 -13.96
N GLU A 110 0.56 -12.32 -14.42
CA GLU A 110 -0.04 -13.60 -14.83
C GLU A 110 -0.78 -14.25 -13.68
N ARG A 111 -0.16 -14.23 -12.52
CA ARG A 111 -0.75 -14.82 -11.31
C ARG A 111 -2.06 -14.12 -11.04
N ILE A 112 -1.97 -12.80 -10.95
CA ILE A 112 -3.12 -11.97 -10.57
C ILE A 112 -4.28 -12.17 -11.53
N ARG A 113 -3.94 -12.27 -12.82
CA ARG A 113 -4.95 -12.44 -13.89
C ARG A 113 -5.57 -13.83 -13.91
N ASN A 114 -4.96 -14.78 -13.22
CA ASN A 114 -5.57 -16.09 -13.00
C ASN A 114 -5.50 -16.49 -11.52
N SER A 115 -6.16 -15.68 -10.70
CA SER A 115 -6.27 -15.93 -9.25
C SER A 115 -7.71 -16.17 -8.82
N GLY A 116 -8.57 -16.42 -9.80
CA GLY A 116 -10.00 -16.51 -9.54
C GLY A 116 -10.61 -15.15 -9.23
N ILE A 117 -10.07 -14.10 -9.85
CA ILE A 117 -10.59 -12.73 -9.68
C ILE A 117 -11.42 -12.36 -10.89
N SER A 118 -12.57 -11.75 -10.64
CA SER A 118 -13.48 -11.40 -11.71
C SER A 118 -12.92 -10.35 -12.63
N ASP A 119 -13.46 -10.33 -13.85
CA ASP A 119 -13.08 -9.36 -14.86
C ASP A 119 -13.47 -7.94 -14.47
N GLU A 120 -14.62 -7.81 -13.82
CA GLU A 120 -15.13 -6.50 -13.45
C GLU A 120 -14.06 -5.78 -12.66
N TYR A 121 -13.49 -6.52 -11.70
CA TYR A 121 -12.40 -6.03 -10.85
C TYR A 121 -11.02 -5.99 -11.54
N ILE A 122 -10.76 -6.97 -12.38
CA ILE A 122 -9.47 -7.09 -13.06
C ILE A 122 -9.21 -5.96 -14.04
N THR A 123 -10.24 -5.55 -14.76
CA THR A 123 -10.11 -4.51 -15.77
C THR A 123 -9.63 -3.18 -15.18
N PRO A 124 -10.34 -2.66 -14.16
CA PRO A 124 -10.07 -1.37 -13.53
C PRO A 124 -8.74 -1.33 -12.82
N MET A 125 -8.45 -2.43 -12.12
CA MET A 125 -7.25 -2.53 -11.31
C MET A 125 -6.06 -2.35 -12.20
N PHE A 126 -6.16 -2.97 -13.37
CA PHE A 126 -5.12 -2.87 -14.38
C PHE A 126 -5.09 -1.56 -15.17
N SER A 127 -6.24 -0.90 -15.28
CA SER A 127 -6.29 0.48 -15.80
C SER A 127 -5.53 1.41 -14.88
N PHE A 128 -5.74 1.24 -13.58
CA PHE A 128 -5.13 2.09 -12.58
C PHE A 128 -3.62 1.97 -12.70
N TYR A 129 -3.14 0.74 -12.83
CA TYR A 129 -1.71 0.48 -12.93
C TYR A 129 -1.10 1.25 -14.11
N LYS A 130 -1.83 1.25 -15.22
CA LYS A 130 -1.35 1.86 -16.47
C LYS A 130 -1.24 3.37 -16.32
N SER A 131 -2.34 3.97 -15.87
CA SER A 131 -2.46 5.42 -15.73
C SER A 131 -1.51 5.98 -14.69
N ILE A 132 -1.41 5.32 -13.55
CA ILE A 132 -0.53 5.80 -12.52
C ILE A 132 0.91 5.78 -13.02
N GLY A 133 1.21 4.77 -13.81
CA GLY A 133 2.54 4.59 -14.37
C GLY A 133 2.95 5.67 -15.34
N GLU A 134 1.99 6.10 -16.15
CA GLU A 134 2.20 7.14 -17.18
C GLU A 134 2.46 8.48 -16.51
N LEU A 135 2.22 8.50 -15.21
CA LEU A 135 2.56 9.63 -14.36
C LEU A 135 4.07 9.74 -14.13
N LYS A 136 4.79 8.66 -14.39
CA LYS A 136 6.26 8.64 -14.25
C LYS A 136 6.69 9.07 -12.85
N MET A 137 5.99 8.56 -11.84
CA MET A 137 6.26 8.88 -10.44
C MET A 137 7.66 8.48 -10.02
N THR A 138 8.29 9.35 -9.24
CA THR A 138 9.63 9.08 -8.73
C THR A 138 9.50 8.26 -7.46
N GLN A 139 10.61 7.65 -7.05
CA GLN A 139 10.61 6.80 -5.86
C GLN A 139 10.22 7.64 -4.67
N GLU A 140 10.65 8.89 -4.71
CA GLU A 140 10.29 9.87 -3.68
C GLU A 140 8.78 9.96 -3.54
N GLU A 141 8.12 10.12 -4.68
CA GLU A 141 6.67 10.30 -4.72
C GLU A 141 5.95 9.08 -4.13
N TYR A 142 6.39 7.91 -4.56
CA TYR A 142 5.76 6.64 -4.18
C TYR A 142 5.75 6.49 -2.66
N ALA A 143 6.94 6.57 -2.07
CA ALA A 143 7.09 6.43 -0.62
C ALA A 143 6.28 7.48 0.14
N LEU A 144 6.20 8.67 -0.45
CA LEU A 144 5.56 9.80 0.23
C LEU A 144 4.04 9.64 0.28
N LEU A 145 3.48 9.25 -0.86
CA LEU A 145 2.04 8.95 -0.95
C LEU A 145 1.67 7.86 0.04
N THR A 146 2.40 6.76 -0.04
CA THR A 146 2.18 5.62 0.85
C THR A 146 2.02 6.12 2.29
N ALA A 147 2.91 7.01 2.68
CA ALA A 147 2.82 7.66 4.00
C ALA A 147 1.51 8.47 4.15
N ILE A 148 1.19 9.27 3.13
CA ILE A 148 -0.05 10.05 3.11
C ILE A 148 -1.26 9.13 3.16
N VAL A 149 -1.17 8.03 2.43
CA VAL A 149 -2.28 7.09 2.32
C VAL A 149 -2.59 6.44 3.66
N ILE A 150 -1.53 6.12 4.38
CA ILE A 150 -1.63 5.48 5.69
C ILE A 150 -2.32 6.35 6.72
N LEU A 151 -1.99 7.63 6.71
CA LEU A 151 -2.47 8.56 7.75
C LEU A 151 -3.79 9.26 7.45
N SER A 152 -4.44 8.93 6.34
CA SER A 152 -5.67 9.63 5.97
C SER A 152 -6.69 9.56 7.11
N PRO A 153 -7.02 10.72 7.70
CA PRO A 153 -7.98 10.88 8.78
C PRO A 153 -9.43 10.51 8.46
N ASP A 154 -9.80 10.55 7.18
CA ASP A 154 -11.18 10.26 6.77
C ASP A 154 -11.57 8.83 7.14
N ARG A 155 -10.56 8.00 7.39
CA ARG A 155 -10.78 6.57 7.63
C ARG A 155 -11.73 6.32 8.79
N GLN A 156 -12.57 5.31 8.59
CA GLN A 156 -13.72 5.02 9.44
C GLN A 156 -13.37 4.59 10.86
N TYR A 157 -14.33 4.80 11.76
CA TYR A 157 -14.22 4.40 13.17
C TYR A 157 -13.04 5.06 13.90
N ILE A 158 -12.79 6.33 13.58
CA ILE A 158 -11.75 7.10 14.28
C ILE A 158 -12.31 8.30 15.02
N LYS A 159 -11.57 8.74 16.03
CA LYS A 159 -11.96 9.90 16.84
C LYS A 159 -10.97 11.05 16.74
N ASP A 160 -9.69 10.77 17.01
CA ASP A 160 -8.66 11.82 17.04
C ASP A 160 -8.10 12.11 15.65
N ARG A 161 -8.96 12.60 14.78
CA ARG A 161 -8.58 12.90 13.39
C ARG A 161 -7.51 13.97 13.31
N GLU A 162 -7.60 14.95 14.22
CA GLU A 162 -6.67 16.08 14.26
C GLU A 162 -5.23 15.67 14.54
N ALA A 163 -5.05 14.69 15.43
CA ALA A 163 -3.71 14.25 15.86
C ALA A 163 -2.93 13.60 14.72
N VAL A 164 -3.64 12.80 13.94
CA VAL A 164 -3.09 12.17 12.74
C VAL A 164 -2.85 13.25 11.69
N GLU A 165 -3.81 14.16 11.58
CA GLU A 165 -3.79 15.21 10.57
C GLU A 165 -2.51 16.01 10.67
N LYS A 166 -2.10 16.28 11.91
CA LYS A 166 -0.85 17.00 12.15
C LYS A 166 0.33 16.17 11.67
N LEU A 167 0.25 14.86 11.89
CA LEU A 167 1.29 13.93 11.45
C LEU A 167 1.36 13.90 9.94
N GLN A 168 0.18 13.94 9.33
CA GLN A 168 0.04 13.91 7.87
C GLN A 168 0.41 15.21 7.16
N GLU A 169 0.01 16.33 7.76
CA GLU A 169 0.09 17.63 7.07
C GLU A 169 1.49 17.97 6.58
N PRO A 170 2.51 17.72 7.42
CA PRO A 170 3.88 17.95 6.98
C PRO A 170 4.19 17.27 5.66
N LEU A 171 3.76 16.03 5.55
CA LEU A 171 4.04 15.17 4.38
C LEU A 171 3.41 15.71 3.11
N LEU A 172 2.18 16.18 3.21
CA LEU A 172 1.49 16.69 2.03
C LEU A 172 2.27 17.86 1.48
N ASP A 173 2.73 18.68 2.42
CA ASP A 173 3.49 19.89 2.11
C ASP A 173 4.81 19.59 1.41
N VAL A 174 5.51 18.58 1.90
CA VAL A 174 6.82 18.20 1.32
C VAL A 174 6.68 17.74 -0.12
N LEU A 175 5.61 16.99 -0.38
CA LEU A 175 5.25 16.56 -1.73
C LEU A 175 4.82 17.75 -2.59
N GLN A 176 4.02 18.62 -1.98
CA GLN A 176 3.45 19.76 -2.71
C GLN A 176 4.62 20.53 -3.29
N LYS A 177 5.61 20.74 -2.43
CA LYS A 177 6.86 21.37 -2.82
C LYS A 177 7.60 20.54 -3.87
N LEU A 178 7.86 19.28 -3.55
CA LEU A 178 8.74 18.42 -4.37
C LEU A 178 8.25 18.29 -5.81
N CYS A 179 6.97 18.02 -5.99
CA CYS A 179 6.44 17.84 -7.36
C CYS A 179 6.53 19.12 -8.19
N LYS A 180 6.13 20.24 -7.61
CA LYS A 180 6.17 21.52 -8.32
C LYS A 180 7.60 21.97 -8.59
N ILE A 181 8.44 21.92 -7.56
CA ILE A 181 9.83 22.35 -7.68
C ILE A 181 10.64 21.43 -8.57
N HIS A 182 10.48 20.14 -8.36
CA HIS A 182 11.13 19.14 -9.21
C HIS A 182 10.43 19.11 -10.56
N GLN A 183 9.16 19.46 -10.55
CA GLN A 183 8.35 19.48 -11.78
C GLN A 183 7.58 20.79 -11.96
N PRO A 184 8.31 21.89 -12.18
CA PRO A 184 7.73 23.15 -12.61
C PRO A 184 7.17 23.05 -14.02
N GLU A 185 7.55 21.99 -14.71
CA GLU A 185 7.06 21.72 -16.06
C GLU A 185 5.53 21.79 -16.02
N ASN A 186 4.96 21.19 -15.00
CA ASN A 186 3.55 21.35 -14.69
C ASN A 186 3.31 21.51 -13.20
N PRO A 187 2.34 22.36 -12.84
CA PRO A 187 1.91 22.54 -11.45
C PRO A 187 0.72 21.67 -11.08
N GLN A 188 0.21 20.93 -12.06
CA GLN A 188 -0.95 20.07 -11.84
C GLN A 188 -0.53 18.70 -11.31
N HIS A 189 0.77 18.53 -11.11
CA HIS A 189 1.31 17.25 -10.65
C HIS A 189 0.76 16.87 -9.27
N PHE A 190 0.69 17.83 -8.37
CA PHE A 190 0.11 17.58 -7.05
C PHE A 190 -1.34 17.17 -7.22
N ALA A 191 -1.99 17.84 -8.15
CA ALA A 191 -3.38 17.58 -8.47
C ALA A 191 -3.55 16.17 -9.00
N CYS A 192 -2.58 15.72 -9.80
CA CYS A 192 -2.63 14.37 -10.38
C CYS A 192 -2.43 13.31 -9.30
N LEU A 193 -1.35 13.46 -8.55
CA LEU A 193 -1.00 12.57 -7.44
C LEU A 193 -2.14 12.36 -6.46
N LEU A 194 -2.69 13.46 -5.95
CA LEU A 194 -3.79 13.39 -4.98
C LEU A 194 -5.07 12.88 -5.62
N GLY A 195 -5.18 13.12 -6.92
CA GLY A 195 -6.29 12.60 -7.70
C GLY A 195 -6.35 11.10 -7.59
N ARG A 196 -5.17 10.49 -7.72
CA ARG A 196 -5.02 9.03 -7.63
C ARG A 196 -5.48 8.51 -6.27
N LEU A 197 -5.22 9.27 -5.22
CA LEU A 197 -5.65 8.88 -3.87
C LEU A 197 -7.13 8.58 -3.87
N THR A 198 -7.90 9.37 -4.61
CA THR A 198 -9.33 9.09 -4.80
C THR A 198 -9.46 7.76 -5.53
N GLU A 199 -8.76 7.66 -6.65
CA GLU A 199 -8.77 6.46 -7.50
C GLU A 199 -8.49 5.17 -6.72
N LEU A 200 -7.54 5.25 -5.78
CA LEU A 200 -7.22 4.13 -4.88
C LEU A 200 -8.44 3.68 -4.11
N ARG A 201 -9.16 4.67 -3.56
CA ARG A 201 -10.33 4.41 -2.71
C ARG A 201 -11.34 3.55 -3.46
N THR A 202 -11.39 3.73 -4.77
CA THR A 202 -12.30 2.94 -5.61
C THR A 202 -12.09 1.44 -5.43
N PHE A 203 -10.88 1.04 -5.03
CA PHE A 203 -10.54 -0.39 -4.91
C PHE A 203 -10.96 -1.05 -3.61
N ASN A 204 -11.22 -0.25 -2.58
CA ASN A 204 -11.68 -0.79 -1.31
C ASN A 204 -13.02 -1.52 -1.43
N HIS A 205 -13.90 -1.02 -2.29
CA HIS A 205 -15.13 -1.76 -2.59
C HIS A 205 -14.78 -2.94 -3.49
N HIS A 206 -13.97 -2.65 -4.50
CA HIS A 206 -13.53 -3.69 -5.43
C HIS A 206 -12.95 -4.85 -4.63
N HIS A 207 -12.09 -4.50 -3.68
CA HIS A 207 -11.35 -5.51 -2.91
C HIS A 207 -12.21 -6.27 -1.93
N ALA A 208 -13.14 -5.58 -1.28
CA ALA A 208 -14.09 -6.22 -0.38
C ALA A 208 -14.89 -7.30 -1.13
N GLU A 209 -15.17 -7.05 -2.39
CA GLU A 209 -15.97 -7.95 -3.22
C GLU A 209 -15.13 -9.10 -3.73
N MET A 210 -13.85 -8.84 -3.91
CA MET A 210 -12.90 -9.87 -4.36
C MET A 210 -12.69 -10.89 -3.25
N LEU A 211 -12.58 -10.39 -2.03
CA LEU A 211 -12.49 -11.26 -0.86
C LEU A 211 -13.75 -12.11 -0.74
N MET A 212 -14.89 -11.45 -0.82
CA MET A 212 -16.19 -12.14 -0.75
C MET A 212 -16.23 -13.34 -1.70
N SER A 213 -15.79 -13.12 -2.94
CA SER A 213 -15.86 -14.16 -3.97
C SER A 213 -14.94 -15.31 -3.64
N TRP A 214 -13.68 -14.95 -3.39
CA TRP A 214 -12.64 -15.91 -2.99
C TRP A 214 -13.14 -16.77 -1.85
N ARG A 215 -13.67 -16.10 -0.84
CA ARG A 215 -14.20 -16.78 0.35
C ARG A 215 -15.19 -17.84 -0.08
N VAL A 216 -16.21 -17.39 -0.81
CA VAL A 216 -17.32 -18.26 -1.24
C VAL A 216 -16.88 -19.40 -2.16
N ASN A 217 -15.71 -19.25 -2.77
CA ASN A 217 -15.12 -20.33 -3.56
C ASN A 217 -13.99 -21.06 -2.82
N ASP A 218 -14.15 -21.11 -1.50
CA ASP A 218 -13.26 -21.85 -0.58
C ASP A 218 -11.80 -21.51 -0.76
N HIS A 219 -11.52 -20.23 -0.61
CA HIS A 219 -10.15 -19.78 -0.43
C HIS A 219 -10.05 -19.24 0.99
N LYS A 220 -8.87 -19.33 1.55
CA LYS A 220 -8.67 -18.90 2.93
C LYS A 220 -7.34 -18.19 3.04
N PHE A 221 -7.34 -17.09 3.79
CA PHE A 221 -6.17 -16.23 3.89
C PHE A 221 -5.37 -16.57 5.15
N THR A 222 -4.52 -15.65 5.60
CA THR A 222 -3.76 -15.90 6.81
C THR A 222 -4.45 -15.27 8.00
N PRO A 223 -4.10 -15.68 9.21
CA PRO A 223 -4.66 -15.09 10.41
C PRO A 223 -4.47 -13.59 10.42
N LEU A 224 -3.30 -13.16 9.93
CA LEU A 224 -2.98 -11.74 9.85
C LEU A 224 -3.86 -10.98 8.86
N LEU A 225 -4.03 -11.55 7.67
CA LEU A 225 -4.84 -10.91 6.63
C LEU A 225 -6.30 -10.80 7.04
N CYS A 226 -6.79 -11.86 7.66
CA CYS A 226 -8.17 -11.93 8.12
C CYS A 226 -8.45 -10.86 9.14
N GLU A 227 -7.46 -10.63 9.99
CA GLU A 227 -7.55 -9.61 11.04
C GLU A 227 -7.64 -8.19 10.50
N ILE A 228 -6.70 -7.87 9.63
CA ILE A 228 -6.60 -6.52 9.09
C ILE A 228 -7.78 -6.18 8.17
N TRP A 229 -8.23 -7.17 7.41
CA TRP A 229 -9.35 -6.95 6.47
C TRP A 229 -10.71 -7.36 7.03
N ASP A 230 -10.75 -7.73 8.30
CA ASP A 230 -12.00 -8.11 8.98
C ASP A 230 -12.72 -9.28 8.30
N VAL A 231 -11.99 -10.37 8.13
CA VAL A 231 -12.52 -11.62 7.57
C VAL A 231 -13.00 -12.55 8.67
N GLN A 232 -14.31 -12.83 8.66
CA GLN A 232 -14.90 -13.76 9.63
C GLN A 232 -14.15 -15.09 9.65
N ASP B 5 -10.94 -8.52 19.97
CA ASP B 5 -9.89 -7.50 19.73
C ASP B 5 -9.19 -7.71 18.38
N HIS B 6 -8.03 -7.08 18.23
CA HIS B 6 -7.20 -7.22 17.06
C HIS B 6 -5.81 -7.60 17.53
N GLN B 7 -5.73 -8.79 18.09
CA GLN B 7 -4.56 -9.23 18.84
C GLN B 7 -3.27 -9.26 18.03
N LEU B 8 -3.36 -9.73 16.79
CA LEU B 8 -2.17 -9.90 15.93
C LEU B 8 -1.51 -8.59 15.53
N LEU B 9 -2.31 -7.60 15.18
CA LEU B 9 -1.74 -6.32 14.75
C LEU B 9 -0.99 -5.67 15.89
N ARG B 10 -1.59 -5.69 17.07
CA ARG B 10 -1.02 -5.06 18.27
C ARG B 10 0.32 -5.68 18.61
N TYR B 11 0.39 -7.01 18.52
CA TYR B 11 1.61 -7.74 18.79
C TYR B 11 2.69 -7.31 17.80
N LEU B 12 2.26 -7.12 16.56
CA LEU B 12 3.18 -6.75 15.49
C LEU B 12 3.84 -5.41 15.79
N LEU B 13 3.05 -4.47 16.28
CA LEU B 13 3.56 -3.13 16.59
C LEU B 13 4.56 -3.17 17.73
N ASP B 14 4.17 -3.82 18.82
CA ASP B 14 5.02 -3.91 20.01
C ASP B 14 6.26 -4.74 19.76
N LYS B 15 6.08 -5.80 18.98
CA LYS B 15 7.20 -6.66 18.55
C LYS B 15 8.21 -5.89 17.69
S SO4 C . -5.39 -23.44 -14.80
O1 SO4 C . -4.92 -22.50 -13.82
O2 SO4 C . -6.68 -22.97 -15.31
O3 SO4 C . -5.55 -24.76 -14.19
O4 SO4 C . -4.44 -23.51 -15.90
C1 034 D . -4.48 -12.99 -2.72
C2 034 D . -5.01 -11.95 -1.75
C3 034 D . -4.25 -11.93 -0.43
CL3 034 D . -4.41 -6.21 -1.58
C4 034 D . -4.95 -10.61 -2.35
O5 034 D . -6.11 -9.91 -2.33
N6 034 D . -6.02 -8.69 -2.90
CL6 034 D . -4.20 -8.87 -6.31
C7 034 D . -4.76 -8.52 -3.34
C8 034 D . -3.97 -9.74 -3.02
C9 034 D . -2.53 -9.95 -3.34
O10 034 D . -1.93 -8.68 -3.09
C11 034 D . -0.58 -8.53 -3.20
C12 034 D . 0.16 -8.04 -2.14
C13 034 D . 1.54 -7.89 -2.26
C14 034 D . 2.18 -8.20 -3.46
C15 034 D . 1.43 -8.69 -4.52
C16 034 D . 0.05 -8.85 -4.39
C17 034 D . 3.67 -8.04 -3.57
C18 034 D . 4.39 -8.94 -4.38
C19 034 D . 5.77 -8.83 -4.51
C20 034 D . 6.45 -7.84 -3.81
N21 034 D . 7.74 -7.49 -3.72
C22 034 D . 7.90 -6.43 -2.90
C23 034 D . 6.66 -6.05 -2.42
C24 034 D . 5.74 -6.96 -3.02
C25 034 D . 4.37 -7.05 -2.88
C26 034 D . 9.22 -5.80 -2.59
O27 034 D . 9.25 -4.70 -1.83
O28 034 D . 10.25 -6.31 -3.01
C29 034 D . -4.22 -7.32 -4.03
C30 034 D . -4.01 -6.18 -3.31
C32 034 D . -3.50 -5.04 -3.92
C33 034 D . -3.20 -5.07 -5.27
C34 034 D . -3.42 -6.24 -6.00
C35 034 D . -3.92 -7.36 -5.38
#